data_1GJD
#
_entry.id   1GJD
#
_cell.length_a   81.03
_cell.length_b   49.76
_cell.length_c   66.15
_cell.angle_alpha   90.0
_cell.angle_beta   112.99
_cell.angle_gamma   90.0
#
_symmetry.space_group_name_H-M   'C 1 2 1'
#
loop_
_entity.id
_entity.type
_entity.pdbx_description
1 polymer 'UROKINASE-TYPE PLASMINOGEN ACTIVATOR'
2 polymer 'UROKINASE-TYPE PLASMINOGEN ACTIVATOR'
3 non-polymer 'CITRIC ACID'
4 non-polymer N-(4-CARBAMIMIDOYL-3-CHORO-PHENYL)-2-HYDROXY-3-IODO-5-METHYL-BENZAMIDE
5 water water
#
loop_
_entity_poly.entity_id
_entity_poly.type
_entity_poly.pdbx_seq_one_letter_code
_entity_poly.pdbx_strand_id
1 'polypeptide(L)' KPSSPPEELKFQCGQKTLRPRFK A
2 'polypeptide(L)'
;IIGGEFTTIENQPWFAAIYRRHRGGSVTYVCGGSLMSPCWVISATHCFIDYPKKEDYIVYLGRSRLNSNTQGEMKFEVEN
LILHKDYSADTLAHHNDIALLKIRSKEGRCAQPSRTIQTICLPSMYNDPQFGTSCEITGFGKEASTDYLYPEQLKMTVVK
LISHRECQQPHYYGSEVTTKMLCAADPQWKTDSCQGDSGGPLVCSLQGRMTLTGIVSWGRGCALKDKPGVYTRVSHFLPW
IRSHTKEENGLAL
;
B
#
loop_
_chem_comp.id
_chem_comp.type
_chem_comp.name
_chem_comp.formula
136 non-polymer N-(4-CARBAMIMIDOYL-3-CHORO-PHENYL)-2-HYDROXY-3-IODO-5-METHYL-BENZAMIDE 'C15 H13 Cl I N3 O2'
CIT non-polymer 'CITRIC ACID' 'C6 H8 O7'
#
# COMPACT_ATOMS: atom_id res chain seq x y z
N PRO A 5 23.24 19.42 -8.96
CA PRO A 5 23.28 18.47 -7.82
C PRO A 5 22.43 17.24 -8.26
N PRO A 6 22.49 16.12 -7.57
CA PRO A 6 21.95 14.82 -8.08
C PRO A 6 20.43 14.61 -7.83
N GLU A 7 19.73 14.32 -8.91
CA GLU A 7 18.24 14.07 -8.90
C GLU A 7 17.62 13.65 -7.56
N GLU A 8 18.15 12.63 -6.97
CA GLU A 8 17.61 12.13 -5.66
C GLU A 8 17.23 13.25 -4.65
N LEU A 9 18.09 14.23 -4.48
CA LEU A 9 17.79 15.35 -3.52
C LEU A 9 16.43 16.00 -3.80
N LYS A 10 15.96 15.89 -5.02
CA LYS A 10 14.66 16.50 -5.34
C LYS A 10 13.52 15.73 -4.71
N PHE A 11 13.75 14.58 -4.16
CA PHE A 11 12.58 13.86 -3.56
C PHE A 11 12.31 14.57 -2.24
N GLN A 12 11.07 14.83 -1.94
CA GLN A 12 10.66 15.52 -0.68
C GLN A 12 9.50 14.60 -0.30
N CYS A 13 9.76 13.69 0.57
CA CYS A 13 8.67 12.75 0.98
C CYS A 13 7.40 13.49 1.35
N GLY A 14 6.30 12.93 0.95
CA GLY A 14 5.00 13.56 1.29
C GLY A 14 4.54 14.70 0.38
N GLN A 15 5.40 15.22 -0.44
CA GLN A 15 4.94 16.35 -1.32
C GLN A 15 4.31 15.92 -2.65
N LYS A 16 3.32 16.66 -3.04
CA LYS A 16 2.59 16.39 -4.31
C LYS A 16 2.97 17.72 -5.04
N THR A 17 3.10 17.67 -6.32
CA THR A 17 3.46 18.83 -7.16
C THR A 17 2.43 18.76 -8.34
N ILE B 1 -11.15 -0.29 -4.55
CA ILE B 1 -11.71 0.62 -3.52
C ILE B 1 -13.20 0.66 -3.84
N ILE B 2 -13.99 0.58 -2.82
CA ILE B 2 -15.47 0.62 -2.93
C ILE B 2 -15.71 2.10 -2.64
N GLY B 3 -16.37 2.81 -3.50
CA GLY B 3 -16.59 4.25 -3.23
C GLY B 3 -15.34 4.98 -3.67
N GLY B 4 -15.18 6.16 -3.14
CA GLY B 4 -13.98 6.96 -3.50
C GLY B 4 -14.23 7.64 -4.83
N GLU B 5 -13.20 8.17 -5.39
CA GLU B 5 -13.28 8.87 -6.69
C GLU B 5 -12.12 8.28 -7.48
N PHE B 6 -12.10 8.57 -8.73
CA PHE B 6 -11.00 8.07 -9.57
C PHE B 6 -10.01 9.22 -9.36
N THR B 7 -8.76 8.94 -9.48
CA THR B 7 -7.75 9.98 -9.30
C THR B 7 -6.66 9.67 -10.30
N THR B 8 -5.58 10.35 -10.15
CA THR B 8 -4.41 10.19 -11.04
C THR B 8 -3.22 10.06 -10.11
N ILE B 9 -2.16 9.54 -10.63
CA ILE B 9 -0.93 9.36 -9.82
C ILE B 9 -0.40 10.64 -9.25
N GLU B 10 -0.62 11.75 -9.90
CA GLU B 10 -0.11 13.05 -9.34
C GLU B 10 -0.63 13.25 -7.92
N ASN B 11 -1.79 12.72 -7.66
CA ASN B 11 -2.40 12.88 -6.30
C ASN B 11 -1.89 11.84 -5.32
N GLN B 12 -1.13 10.89 -5.78
CA GLN B 12 -0.55 9.80 -4.92
C GLN B 12 0.81 9.37 -5.50
N PRO B 13 1.72 10.30 -5.67
CA PRO B 13 2.94 10.05 -6.49
C PRO B 13 3.86 8.93 -5.93
N TRP B 14 3.59 8.53 -4.73
CA TRP B 14 4.40 7.44 -4.08
C TRP B 14 3.76 6.07 -4.29
N PHE B 15 2.66 6.01 -4.97
CA PHE B 15 1.99 4.70 -5.20
C PHE B 15 2.73 3.85 -6.26
N ALA B 16 2.91 2.59 -5.95
CA ALA B 16 3.61 1.65 -6.85
C ALA B 16 2.62 0.54 -7.14
N ALA B 17 2.59 0.15 -8.39
CA ALA B 17 1.70 -0.92 -8.93
C ALA B 17 2.66 -2.11 -9.18
N ILE B 18 2.32 -3.27 -8.67
CA ILE B 18 3.17 -4.48 -8.83
C ILE B 18 2.40 -5.49 -9.64
N TYR B 19 3.10 -6.01 -10.62
CA TYR B 19 2.49 -7.02 -11.54
C TYR B 19 3.36 -8.27 -11.62
N ARG B 20 2.80 -9.32 -12.14
CA ARG B 20 3.51 -10.60 -12.29
C ARG B 20 3.42 -11.03 -13.74
N ARG B 21 4.51 -11.55 -14.21
CA ARG B 21 4.62 -12.02 -15.62
C ARG B 21 4.33 -13.51 -15.62
N HIS B 22 3.73 -14.00 -16.66
CA HIS B 22 3.42 -15.46 -16.77
C HIS B 22 4.10 -15.48 -18.14
N ARG B 23 5.21 -16.11 -18.35
CA ARG B 23 5.80 -16.05 -19.73
C ARG B 23 4.85 -16.46 -20.86
N GLY B 24 3.64 -16.84 -20.57
CA GLY B 24 2.70 -17.24 -21.66
C GLY B 24 2.39 -15.90 -22.39
N GLY B 25 2.75 -14.80 -21.78
CA GLY B 25 2.50 -13.47 -22.39
C GLY B 25 1.75 -12.47 -21.49
N SER B 26 0.91 -12.93 -20.63
CA SER B 26 0.19 -11.93 -19.80
C SER B 26 0.95 -11.48 -18.58
N VAL B 27 0.60 -10.32 -18.14
CA VAL B 27 1.21 -9.64 -16.97
C VAL B 27 -0.10 -9.31 -16.23
N THR B 28 -0.20 -9.69 -14.98
CA THR B 28 -1.43 -9.42 -14.20
C THR B 28 -1.05 -8.56 -13.00
N TYR B 29 -2.00 -7.80 -12.51
CA TYR B 29 -1.72 -6.92 -11.35
C TYR B 29 -1.72 -7.85 -10.14
N VAL B 30 -0.91 -7.52 -9.17
CA VAL B 30 -0.79 -8.32 -7.94
C VAL B 30 -1.26 -7.45 -6.76
N CYS B 31 -0.48 -6.43 -6.47
CA CYS B 31 -0.76 -5.50 -5.36
C CYS B 31 -0.19 -4.12 -5.60
N GLY B 32 -0.46 -3.29 -4.64
CA GLY B 32 0.00 -1.89 -4.66
C GLY B 32 1.17 -1.86 -3.70
N GLY B 33 1.83 -0.74 -3.68
CA GLY B 33 3.01 -0.53 -2.79
C GLY B 33 3.23 0.96 -2.67
N SER B 34 4.23 1.36 -1.92
CA SER B 34 4.54 2.81 -1.74
C SER B 34 6.06 3.02 -1.82
N LEU B 35 6.49 4.07 -2.45
CA LEU B 35 7.95 4.36 -2.59
C LEU B 35 8.42 5.04 -1.32
N MET B 36 9.39 4.46 -0.67
CA MET B 36 9.99 4.95 0.62
C MET B 36 11.24 5.76 0.43
N SER B 37 12.05 5.30 -0.46
CA SER B 37 13.31 5.97 -0.79
C SER B 37 13.54 5.58 -2.26
N PRO B 38 14.50 6.13 -2.93
CA PRO B 38 14.65 5.91 -4.39
C PRO B 38 14.65 4.43 -4.84
N CYS B 39 15.24 3.60 -4.02
CA CYS B 39 15.32 2.15 -4.37
C CYS B 39 14.39 1.24 -3.61
N TRP B 40 13.59 1.76 -2.73
CA TRP B 40 12.72 0.82 -1.99
C TRP B 40 11.25 1.16 -2.00
N VAL B 41 10.49 0.13 -2.21
CA VAL B 41 9.02 0.20 -2.26
C VAL B 41 8.60 -0.72 -1.08
N ILE B 42 7.49 -0.45 -0.44
CA ILE B 42 7.07 -1.29 0.68
C ILE B 42 5.66 -1.73 0.29
N SER B 43 5.36 -2.93 0.62
CA SER B 43 4.04 -3.52 0.31
C SER B 43 3.75 -4.54 1.43
N ALA B 44 3.00 -5.53 1.09
CA ALA B 44 2.61 -6.60 2.04
C ALA B 44 3.18 -7.95 1.64
N THR B 45 3.70 -8.68 2.59
CA THR B 45 4.26 -10.01 2.28
C THR B 45 3.20 -10.95 1.67
N HIS B 46 1.99 -10.86 2.15
CA HIS B 46 0.95 -11.78 1.59
C HIS B 46 0.79 -11.63 0.11
N CYS B 47 1.25 -10.55 -0.43
CA CYS B 47 1.12 -10.35 -1.90
C CYS B 47 2.11 -11.26 -2.67
N PHE B 48 3.20 -11.57 -2.02
CA PHE B 48 4.27 -12.43 -2.63
C PHE B 48 4.42 -13.83 -2.10
N ILE B 49 4.09 -14.05 -0.87
CA ILE B 49 4.19 -15.40 -0.24
C ILE B 49 4.00 -16.65 -1.14
N ASP B 50 3.00 -16.63 -1.96
CA ASP B 50 2.73 -17.79 -2.86
C ASP B 50 3.61 -17.90 -4.09
N TYR B 51 4.31 -16.87 -4.42
CA TYR B 51 5.18 -16.92 -5.60
C TYR B 51 6.38 -16.00 -5.29
N PRO B 52 7.23 -16.36 -4.35
CA PRO B 52 8.40 -15.51 -4.02
C PRO B 52 9.50 -15.54 -5.09
N LYS B 53 9.14 -15.52 -6.33
CA LYS B 53 10.15 -15.55 -7.42
C LYS B 53 10.28 -14.07 -7.84
N LYS B 54 11.21 -13.38 -7.26
CA LYS B 54 11.39 -11.94 -7.61
C LYS B 54 11.49 -11.64 -9.10
N GLU B 55 12.13 -12.51 -9.82
CA GLU B 55 12.28 -12.28 -11.28
C GLU B 55 10.98 -12.25 -12.05
N ASP B 56 9.91 -12.66 -11.44
CA ASP B 56 8.65 -12.62 -12.21
C ASP B 56 7.80 -11.41 -11.94
N TYR B 57 8.29 -10.52 -11.14
CA TYR B 57 7.48 -9.31 -10.85
C TYR B 57 8.10 -8.12 -11.54
N ILE B 58 7.24 -7.18 -11.79
CA ILE B 58 7.61 -5.91 -12.45
C ILE B 58 6.99 -4.84 -11.54
N VAL B 59 7.67 -3.75 -11.33
CA VAL B 59 7.10 -2.68 -10.47
C VAL B 59 7.02 -1.42 -11.34
N TYR B 60 5.92 -0.72 -11.29
CA TYR B 60 5.80 0.51 -12.09
C TYR B 60 5.46 1.67 -11.11
N LEU B 61 6.05 2.78 -11.42
CA LEU B 61 5.87 4.03 -10.66
C LEU B 61 5.35 4.99 -11.74
N GLY B 62 4.63 6.00 -11.34
CA GLY B 62 4.05 7.03 -12.23
C GLY B 62 2.90 6.44 -13.05
N ARG B 63 2.15 5.53 -12.51
CA ARG B 63 1.04 4.90 -13.28
C ARG B 63 -0.36 5.28 -12.73
N SER B 64 -1.19 5.79 -13.60
CA SER B 64 -2.58 6.19 -13.21
C SER B 64 -3.57 5.12 -13.67
N ARG B 65 -3.18 4.34 -14.65
CA ARG B 65 -4.09 3.28 -15.16
C ARG B 65 -3.43 1.93 -14.93
N LEU B 66 -4.24 0.93 -14.91
CA LEU B 66 -3.79 -0.45 -14.66
C LEU B 66 -3.10 -1.19 -15.83
N ASN B 67 -3.71 -1.18 -16.98
CA ASN B 67 -3.12 -1.89 -18.17
C ASN B 67 -2.75 -1.00 -19.32
N SER B 68 -2.91 0.27 -19.20
CA SER B 68 -2.53 1.13 -20.35
C SER B 68 -1.36 1.87 -19.76
N ASN B 69 -0.59 2.55 -20.53
CA ASN B 69 0.58 3.27 -19.98
C ASN B 69 0.19 4.70 -19.62
N THR B 70 0.98 5.29 -18.77
CA THR B 70 0.77 6.68 -18.32
C THR B 70 2.09 7.32 -18.77
N GLN B 71 2.06 8.53 -19.24
CA GLN B 71 3.31 9.17 -19.69
C GLN B 71 4.05 9.48 -18.38
N GLY B 72 5.30 9.12 -18.34
CA GLY B 72 6.13 9.37 -17.13
C GLY B 72 6.32 8.14 -16.27
N GLU B 73 5.60 7.08 -16.54
CA GLU B 73 5.78 5.88 -15.69
C GLU B 73 7.22 5.34 -15.81
N MET B 74 7.67 4.64 -14.81
CA MET B 74 9.04 4.05 -14.80
C MET B 74 8.79 2.59 -14.47
N LYS B 75 9.51 1.71 -15.12
CA LYS B 75 9.40 0.23 -14.94
C LYS B 75 10.65 -0.27 -14.24
N PHE B 76 10.49 -1.12 -13.27
CA PHE B 76 11.66 -1.66 -12.53
C PHE B 76 11.51 -3.13 -12.34
N GLU B 77 12.62 -3.75 -12.11
CA GLU B 77 12.62 -5.21 -11.88
C GLU B 77 12.88 -5.18 -10.36
N VAL B 78 12.68 -6.30 -9.74
CA VAL B 78 12.88 -6.41 -8.27
C VAL B 78 14.26 -7.03 -8.09
N GLU B 79 15.13 -6.26 -7.49
CA GLU B 79 16.52 -6.66 -7.23
C GLU B 79 16.47 -7.48 -5.94
N ASN B 80 15.69 -7.06 -4.98
CA ASN B 80 15.64 -7.85 -3.72
C ASN B 80 14.17 -7.88 -3.34
N LEU B 81 13.73 -8.96 -2.76
CA LEU B 81 12.33 -9.14 -2.32
C LEU B 81 12.46 -9.64 -0.90
N ILE B 82 12.23 -8.76 0.02
CA ILE B 82 12.32 -9.12 1.46
C ILE B 82 10.90 -9.28 2.03
N LEU B 83 10.63 -10.45 2.54
CA LEU B 83 9.29 -10.75 3.12
C LEU B 83 9.57 -10.83 4.64
N HIS B 84 8.57 -10.64 5.44
CA HIS B 84 8.78 -10.69 6.93
C HIS B 84 8.87 -12.14 7.31
N LYS B 85 9.92 -12.50 8.03
CA LYS B 85 10.04 -13.93 8.42
C LYS B 85 8.96 -14.39 9.36
N ASP B 86 8.44 -13.48 10.14
CA ASP B 86 7.36 -13.93 11.07
C ASP B 86 6.00 -13.65 10.49
N TYR B 87 5.91 -13.71 9.19
CA TYR B 87 4.60 -13.44 8.54
C TYR B 87 3.74 -14.66 8.81
N SER B 88 2.49 -14.48 9.13
CA SER B 88 1.61 -15.65 9.40
C SER B 88 0.25 -15.18 8.88
N ALA B 89 -0.59 -16.11 8.58
CA ALA B 89 -1.93 -15.81 8.06
C ALA B 89 -2.76 -16.78 8.83
N ASP B 90 -3.90 -16.37 9.26
CA ASP B 90 -4.78 -17.27 10.03
C ASP B 90 -6.11 -17.09 9.40
N THR B 91 -7.09 -17.41 10.15
CA THR B 91 -8.44 -17.27 9.65
C THR B 91 -8.77 -15.77 9.69
N LEU B 92 -8.33 -15.08 8.67
CA LEU B 92 -8.52 -13.62 8.45
C LEU B 92 -7.30 -12.74 8.47
N ALA B 93 -6.71 -12.68 9.62
CA ALA B 93 -5.54 -11.81 9.70
C ALA B 93 -4.27 -12.37 9.17
N HIS B 94 -3.45 -11.42 8.86
CA HIS B 94 -2.10 -11.64 8.32
C HIS B 94 -1.32 -10.88 9.38
N HIS B 95 -0.30 -11.48 9.90
CA HIS B 95 0.52 -10.85 10.92
C HIS B 95 1.80 -10.51 10.22
N ASN B 96 2.42 -9.47 10.71
CA ASN B 96 3.70 -8.95 10.18
C ASN B 96 3.59 -8.95 8.68
N ASP B 97 2.58 -8.29 8.23
CA ASP B 97 2.32 -8.22 6.77
C ASP B 97 2.90 -6.98 6.11
N ILE B 98 4.19 -7.00 6.01
CA ILE B 98 4.97 -5.90 5.41
C ILE B 98 6.05 -6.62 4.57
N ALA B 99 6.42 -6.07 3.44
CA ALA B 99 7.46 -6.65 2.54
C ALA B 99 8.16 -5.47 1.91
N LEU B 100 9.40 -5.64 1.57
CA LEU B 100 10.22 -4.56 0.93
C LEU B 100 10.71 -5.09 -0.41
N LEU B 101 10.70 -4.26 -1.40
CA LEU B 101 11.15 -4.66 -2.76
C LEU B 101 12.23 -3.64 -3.13
N LYS B 102 13.41 -4.08 -3.47
CA LYS B 102 14.48 -3.11 -3.85
C LYS B 102 14.27 -3.14 -5.36
N ILE B 103 14.13 -2.00 -5.96
CA ILE B 103 13.90 -1.92 -7.43
C ILE B 103 15.14 -1.44 -8.20
N ARG B 104 15.28 -1.85 -9.43
CA ARG B 104 16.44 -1.44 -10.29
C ARG B 104 15.85 -1.35 -11.71
N SER B 105 16.21 -0.39 -12.53
CA SER B 105 15.62 -0.33 -13.90
C SER B 105 16.59 -1.06 -14.80
N LYS B 106 16.28 -1.14 -16.07
CA LYS B 106 17.18 -1.84 -17.04
C LYS B 106 18.46 -1.03 -17.22
N GLU B 107 18.45 0.22 -16.82
CA GLU B 107 19.69 1.07 -16.98
C GLU B 107 20.49 0.87 -15.69
N GLY B 108 19.87 0.25 -14.72
CA GLY B 108 20.54 -0.02 -13.41
C GLY B 108 20.31 1.10 -12.40
N ARG B 109 19.27 1.87 -12.52
CA ARG B 109 19.10 2.96 -11.52
C ARG B 109 17.81 2.74 -10.74
N CYS B 110 17.67 3.53 -9.72
CA CYS B 110 16.48 3.47 -8.84
C CYS B 110 15.55 4.60 -9.32
N ALA B 111 14.48 4.87 -8.61
CA ALA B 111 13.54 5.93 -9.05
C ALA B 111 14.15 7.34 -9.03
N GLN B 112 13.63 8.15 -9.92
CA GLN B 112 14.08 9.57 -10.05
C GLN B 112 12.80 10.35 -9.72
N PRO B 113 12.87 11.53 -9.14
CA PRO B 113 11.65 12.28 -8.74
C PRO B 113 11.01 12.93 -9.98
N SER B 114 9.72 13.05 -10.03
CA SER B 114 9.04 13.68 -11.18
C SER B 114 7.75 14.22 -10.55
N ARG B 115 6.86 14.74 -11.34
CA ARG B 115 5.61 15.27 -10.76
C ARG B 115 4.70 14.04 -10.55
N THR B 116 5.16 12.88 -10.91
CA THR B 116 4.31 11.67 -10.72
C THR B 116 5.00 10.65 -9.85
N ILE B 117 6.24 10.90 -9.47
CA ILE B 117 6.98 9.94 -8.62
C ILE B 117 7.59 10.72 -7.46
N GLN B 118 7.18 10.39 -6.28
CA GLN B 118 7.68 11.05 -5.02
C GLN B 118 7.73 9.97 -3.94
N THR B 119 8.42 10.20 -2.87
CA THR B 119 8.46 9.17 -1.79
C THR B 119 7.38 9.62 -0.78
N ILE B 120 7.03 8.75 0.13
CA ILE B 120 6.04 9.13 1.14
C ILE B 120 6.92 9.04 2.42
N CYS B 121 6.54 9.76 3.42
CA CYS B 121 7.32 9.75 4.67
C CYS B 121 6.95 8.58 5.58
N LEU B 122 7.91 8.21 6.36
CA LEU B 122 7.72 7.11 7.31
C LEU B 122 7.48 7.87 8.60
N PRO B 123 6.69 7.31 9.46
CA PRO B 123 6.42 7.89 10.80
C PRO B 123 7.68 7.76 11.67
N SER B 124 7.62 8.31 12.85
CA SER B 124 8.78 8.21 13.74
C SER B 124 8.37 6.98 14.53
N MET B 125 9.32 6.37 15.17
CA MET B 125 9.10 5.14 15.99
C MET B 125 7.80 5.23 16.74
N TYR B 126 7.01 4.19 16.67
CA TYR B 126 5.68 4.09 17.36
C TYR B 126 4.85 5.38 17.36
N ASN B 127 4.95 6.22 16.37
CA ASN B 127 4.14 7.47 16.39
C ASN B 127 3.02 7.34 15.36
N ASP B 128 1.82 7.55 15.79
CA ASP B 128 0.62 7.44 14.92
C ASP B 128 -0.26 8.69 15.08
N PRO B 129 -1.15 8.93 14.13
CA PRO B 129 -2.23 9.92 14.35
C PRO B 129 -3.19 9.31 15.39
N GLN B 130 -4.09 10.09 15.92
CA GLN B 130 -5.04 9.54 16.94
C GLN B 130 -6.23 9.02 16.15
N PHE B 131 -7.01 8.14 16.76
CA PHE B 131 -8.19 7.61 16.05
C PHE B 131 -9.02 8.83 15.72
N GLY B 132 -9.75 8.79 14.65
CA GLY B 132 -10.58 9.98 14.29
C GLY B 132 -9.90 10.66 13.10
N THR B 133 -8.60 10.48 12.98
CA THR B 133 -7.91 11.13 11.83
C THR B 133 -8.41 10.51 10.52
N SER B 134 -8.55 11.33 9.53
CA SER B 134 -9.02 10.88 8.20
C SER B 134 -7.73 10.70 7.44
N CYS B 135 -7.63 9.55 6.84
CA CYS B 135 -6.45 9.14 6.04
C CYS B 135 -6.99 8.70 4.68
N GLU B 136 -6.15 8.64 3.71
CA GLU B 136 -6.66 8.21 2.39
C GLU B 136 -5.97 6.94 2.00
N ILE B 137 -6.67 6.20 1.20
CA ILE B 137 -6.14 4.92 0.71
C ILE B 137 -6.32 5.05 -0.80
N THR B 138 -5.46 4.36 -1.52
CA THR B 138 -5.52 4.42 -2.99
C THR B 138 -5.23 2.98 -3.48
N GLY B 139 -5.61 2.72 -4.69
CA GLY B 139 -5.37 1.38 -5.23
C GLY B 139 -6.23 1.12 -6.45
N PHE B 140 -5.95 -0.01 -7.04
CA PHE B 140 -6.63 -0.51 -8.27
C PHE B 140 -7.47 -1.73 -7.89
N GLY B 141 -7.78 -1.86 -6.63
CA GLY B 141 -8.59 -3.04 -6.21
C GLY B 141 -10.03 -2.95 -6.63
N LYS B 142 -10.75 -4.00 -6.39
CA LYS B 142 -12.19 -4.05 -6.77
C LYS B 142 -13.01 -2.86 -6.28
N GLU B 143 -14.06 -2.61 -7.02
CA GLU B 143 -15.01 -1.51 -6.72
C GLU B 143 -16.28 -2.10 -6.08
N ALA B 144 -16.46 -3.38 -6.19
CA ALA B 144 -17.61 -4.13 -5.60
C ALA B 144 -17.03 -5.52 -5.28
N SER B 145 -17.39 -6.12 -4.19
CA SER B 145 -16.84 -7.47 -3.83
C SER B 145 -17.21 -8.56 -4.87
N THR B 146 -18.27 -8.36 -5.62
CA THR B 146 -18.68 -9.35 -6.62
C THR B 146 -17.98 -9.17 -7.95
N ASP B 147 -17.14 -8.18 -8.07
CA ASP B 147 -16.48 -8.03 -9.39
C ASP B 147 -15.37 -9.07 -9.48
N TYR B 148 -14.94 -9.34 -10.66
CA TYR B 148 -13.86 -10.31 -10.88
C TYR B 148 -12.77 -9.58 -11.66
N LEU B 149 -12.98 -8.31 -11.95
CA LEU B 149 -11.96 -7.48 -12.70
C LEU B 149 -11.63 -6.30 -11.80
N TYR B 150 -10.55 -5.67 -12.14
CA TYR B 150 -10.08 -4.49 -11.37
C TYR B 150 -10.33 -3.29 -12.27
N PRO B 151 -10.56 -2.12 -11.68
CA PRO B 151 -10.73 -0.90 -12.49
C PRO B 151 -9.43 -0.63 -13.21
N GLU B 152 -9.60 0.15 -14.23
CA GLU B 152 -8.45 0.53 -15.07
C GLU B 152 -7.92 1.84 -14.56
N GLN B 153 -8.73 2.60 -13.88
CA GLN B 153 -8.28 3.92 -13.35
C GLN B 153 -8.02 3.76 -11.86
N LEU B 154 -7.04 4.49 -11.42
CA LEU B 154 -6.62 4.49 -10.00
C LEU B 154 -7.73 5.17 -9.21
N LYS B 155 -7.97 4.70 -8.02
CA LYS B 155 -9.04 5.30 -7.17
C LYS B 155 -8.45 5.62 -5.85
N MET B 156 -9.19 6.42 -5.14
CA MET B 156 -8.75 6.83 -3.79
C MET B 156 -9.99 7.14 -2.98
N THR B 157 -9.87 7.08 -1.68
CA THR B 157 -11.02 7.39 -0.83
C THR B 157 -10.38 7.78 0.53
N VAL B 158 -11.24 8.18 1.41
CA VAL B 158 -10.85 8.62 2.77
C VAL B 158 -11.58 7.75 3.78
N VAL B 159 -10.89 7.40 4.80
CA VAL B 159 -11.47 6.57 5.87
C VAL B 159 -10.91 7.19 7.13
N LYS B 160 -11.48 6.85 8.25
CA LYS B 160 -10.99 7.40 9.52
C LYS B 160 -10.41 6.27 10.29
N LEU B 161 -9.46 6.62 11.06
CA LEU B 161 -8.80 5.58 11.90
C LEU B 161 -9.78 5.35 13.07
N ILE B 162 -9.89 4.15 13.57
CA ILE B 162 -10.81 3.90 14.71
C ILE B 162 -9.83 3.28 15.76
N SER B 163 -10.24 3.21 16.98
CA SER B 163 -9.38 2.65 18.08
C SER B 163 -9.26 1.14 18.09
N HIS B 164 -8.29 0.60 18.81
CA HIS B 164 -8.17 -0.87 18.84
C HIS B 164 -9.38 -1.29 19.64
N ARG B 165 -9.68 -0.56 20.67
CA ARG B 165 -10.87 -0.90 21.51
C ARG B 165 -12.09 -1.14 20.62
N GLU B 166 -12.33 -0.21 19.75
CA GLU B 166 -13.50 -0.35 18.83
C GLU B 166 -13.35 -1.53 17.86
N CYS B 167 -12.21 -1.68 17.27
CA CYS B 167 -12.02 -2.79 16.29
C CYS B 167 -11.95 -4.17 16.94
N GLN B 168 -11.55 -4.20 18.17
CA GLN B 168 -11.45 -5.50 18.88
C GLN B 168 -12.75 -5.87 19.56
N GLN B 169 -13.79 -5.17 19.23
CA GLN B 169 -15.08 -5.53 19.89
C GLN B 169 -15.42 -6.88 19.26
N PRO B 170 -15.93 -7.81 20.00
CA PRO B 170 -16.26 -9.15 19.47
C PRO B 170 -17.02 -9.14 18.14
N HIS B 171 -17.87 -8.15 17.98
CA HIS B 171 -18.65 -8.09 16.72
C HIS B 171 -17.92 -7.40 15.58
N TYR B 172 -16.67 -7.10 15.77
CA TYR B 172 -15.87 -6.45 14.71
C TYR B 172 -14.86 -7.58 14.45
N TYR B 173 -13.67 -7.48 14.97
CA TYR B 173 -12.67 -8.56 14.73
C TYR B 173 -12.13 -9.23 16.00
N GLY B 174 -12.60 -8.84 17.16
CA GLY B 174 -12.10 -9.47 18.39
C GLY B 174 -10.57 -9.35 18.46
N SER B 175 -9.94 -10.35 18.98
CA SER B 175 -8.48 -10.33 19.11
C SER B 175 -7.69 -10.66 17.82
N GLU B 176 -8.35 -10.58 16.70
CA GLU B 176 -7.65 -10.88 15.42
C GLU B 176 -6.75 -9.69 15.13
N VAL B 177 -7.19 -8.57 15.65
CA VAL B 177 -6.46 -7.30 15.47
C VAL B 177 -5.49 -7.20 16.63
N THR B 178 -4.27 -6.89 16.32
CA THR B 178 -3.24 -6.76 17.36
C THR B 178 -2.77 -5.30 17.39
N THR B 179 -1.83 -5.04 18.24
CA THR B 179 -1.27 -3.68 18.38
C THR B 179 -0.41 -3.34 17.15
N LYS B 180 -0.07 -4.37 16.40
CA LYS B 180 0.76 -4.16 15.17
C LYS B 180 -0.09 -3.93 13.92
N MET B 181 -1.35 -3.70 14.16
CA MET B 181 -2.35 -3.44 13.10
C MET B 181 -3.08 -2.17 13.51
N LEU B 182 -3.77 -1.60 12.56
CA LEU B 182 -4.58 -0.34 12.73
C LEU B 182 -5.85 -0.66 11.97
N CYS B 183 -6.94 -0.09 12.37
CA CYS B 183 -8.23 -0.33 11.68
C CYS B 183 -8.71 1.01 11.19
N ALA B 184 -9.27 1.03 10.02
CA ALA B 184 -9.77 2.31 9.47
C ALA B 184 -11.07 1.99 8.81
N ALA B 185 -12.05 2.82 8.96
CA ALA B 185 -13.38 2.55 8.33
C ALA B 185 -14.01 3.87 7.97
N ASP B 186 -15.08 3.81 7.27
CA ASP B 186 -15.79 5.04 6.87
C ASP B 186 -16.94 5.03 7.90
N PRO B 187 -17.21 6.12 8.57
CA PRO B 187 -18.39 6.25 9.47
C PRO B 187 -19.69 5.62 8.98
N GLN B 188 -19.88 5.70 7.69
CA GLN B 188 -21.13 5.11 7.09
C GLN B 188 -20.91 3.79 6.41
N TRP B 189 -19.78 3.20 6.64
CA TRP B 189 -19.44 1.89 6.01
C TRP B 189 -19.84 1.90 4.53
N LYS B 190 -19.47 2.96 3.84
CA LYS B 190 -19.81 3.07 2.40
C LYS B 190 -18.61 2.94 1.50
N THR B 191 -17.48 3.44 1.92
CA THR B 191 -16.27 3.31 1.06
C THR B 191 -15.27 2.49 1.89
N ASP B 192 -14.37 1.82 1.22
CA ASP B 192 -13.35 0.97 1.93
C ASP B 192 -12.37 0.37 0.90
N SER B 193 -11.34 -0.30 1.38
CA SER B 193 -10.37 -0.95 0.46
C SER B 193 -11.06 -2.32 0.20
N CYS B 194 -10.61 -3.02 -0.79
CA CYS B 194 -11.18 -4.32 -1.14
C CYS B 194 -10.04 -5.13 -1.77
N GLN B 195 -10.38 -6.26 -2.28
CA GLN B 195 -9.42 -7.18 -2.93
C GLN B 195 -8.65 -6.44 -4.00
N GLY B 196 -7.36 -6.63 -4.01
CA GLY B 196 -6.54 -5.93 -5.04
C GLY B 196 -5.91 -4.67 -4.45
N ASP B 197 -6.43 -4.22 -3.34
CA ASP B 197 -5.82 -2.98 -2.75
C ASP B 197 -4.67 -3.33 -1.81
N SER B 198 -4.53 -4.59 -1.48
CA SER B 198 -3.44 -5.05 -0.58
C SER B 198 -2.09 -4.43 -0.95
N GLY B 199 -1.27 -4.16 0.03
CA GLY B 199 0.06 -3.59 -0.24
C GLY B 199 0.07 -2.07 -0.32
N GLY B 200 -1.04 -1.52 -0.69
CA GLY B 200 -1.08 -0.05 -0.82
C GLY B 200 -1.07 0.73 0.48
N PRO B 201 -0.99 2.02 0.33
CA PRO B 201 -0.86 2.94 1.48
C PRO B 201 -2.12 3.51 2.10
N LEU B 202 -1.94 3.78 3.36
CA LEU B 202 -2.97 4.38 4.25
C LEU B 202 -2.10 5.63 4.56
N VAL B 203 -2.47 6.78 4.08
CA VAL B 203 -1.68 8.02 4.31
C VAL B 203 -2.50 8.97 5.22
N CYS B 204 -1.83 9.43 6.23
CA CYS B 204 -2.42 10.35 7.23
C CYS B 204 -1.43 11.47 7.45
N SER B 205 -1.89 12.58 7.92
CA SER B 205 -0.93 13.68 8.15
C SER B 205 -0.46 13.40 9.55
N LEU B 206 0.82 13.51 9.77
CA LEU B 206 1.42 13.28 11.09
C LEU B 206 2.49 14.36 11.18
N GLN B 207 2.49 15.13 12.22
CA GLN B 207 3.49 16.21 12.41
C GLN B 207 3.73 17.05 11.16
N GLY B 208 2.67 17.32 10.47
CA GLY B 208 2.76 18.15 9.23
C GLY B 208 3.18 17.41 7.99
N ARG B 209 3.44 16.13 8.06
CA ARG B 209 3.87 15.39 6.84
C ARG B 209 2.84 14.35 6.48
N MET B 210 2.84 14.05 5.22
CA MET B 210 1.90 13.03 4.71
C MET B 210 2.76 11.82 5.05
N THR B 211 2.27 11.03 5.94
CA THR B 211 3.00 9.81 6.39
C THR B 211 2.29 8.49 6.03
N LEU B 212 3.13 7.52 5.83
CA LEU B 212 2.66 6.16 5.47
C LEU B 212 2.30 5.58 6.87
N THR B 213 1.06 5.65 7.23
CA THR B 213 0.67 5.12 8.55
C THR B 213 0.29 3.63 8.41
N GLY B 214 -0.26 3.21 7.30
CA GLY B 214 -0.61 1.77 7.19
C GLY B 214 -0.42 1.21 5.77
N ILE B 215 -0.48 -0.09 5.70
CA ILE B 215 -0.32 -0.87 4.43
C ILE B 215 -1.62 -1.69 4.42
N VAL B 216 -2.35 -1.61 3.35
CA VAL B 216 -3.63 -2.35 3.20
C VAL B 216 -3.28 -3.84 3.46
N SER B 217 -3.88 -4.43 4.47
CA SER B 217 -3.60 -5.87 4.79
C SER B 217 -4.80 -6.84 4.64
N TRP B 218 -5.85 -6.71 5.42
CA TRP B 218 -6.99 -7.65 5.28
C TRP B 218 -8.30 -7.06 5.76
N GLY B 219 -9.35 -7.77 5.54
CA GLY B 219 -10.66 -7.26 6.01
C GLY B 219 -11.72 -8.29 5.64
N ARG B 220 -12.82 -8.27 6.32
CA ARG B 220 -13.90 -9.25 6.02
C ARG B 220 -14.81 -8.49 5.07
N GLY B 221 -14.93 -9.03 3.89
CA GLY B 221 -15.78 -8.42 2.86
C GLY B 221 -15.12 -7.08 2.55
N CYS B 222 -15.88 -6.22 1.97
CA CYS B 222 -15.43 -4.87 1.60
C CYS B 222 -16.60 -3.95 1.92
N ALA B 223 -16.30 -2.93 2.67
CA ALA B 223 -17.30 -1.90 3.11
C ALA B 223 -18.44 -2.58 3.86
N LEU B 224 -18.08 -3.50 4.71
CA LEU B 224 -19.14 -4.19 5.47
C LEU B 224 -19.22 -3.49 6.83
N LYS B 225 -20.44 -3.36 7.27
CA LYS B 225 -20.68 -2.70 8.56
C LYS B 225 -19.94 -3.50 9.62
N ASP B 226 -19.32 -2.80 10.51
CA ASP B 226 -18.53 -3.40 11.64
C ASP B 226 -17.37 -4.26 11.18
N LYS B 227 -16.97 -4.10 9.96
CA LYS B 227 -15.83 -4.90 9.42
C LYS B 227 -14.91 -3.88 8.74
N PRO B 228 -14.12 -3.22 9.56
CA PRO B 228 -13.10 -2.21 9.09
C PRO B 228 -12.03 -2.86 8.22
N GLY B 229 -11.16 -2.04 7.71
CA GLY B 229 -10.07 -2.58 6.87
C GLY B 229 -8.99 -2.58 7.90
N VAL B 230 -8.12 -3.54 7.85
CA VAL B 230 -7.01 -3.62 8.84
C VAL B 230 -5.74 -3.36 8.02
N TYR B 231 -4.86 -2.58 8.60
CA TYR B 231 -3.61 -2.19 7.96
C TYR B 231 -2.42 -2.55 8.80
N THR B 232 -1.30 -2.79 8.18
CA THR B 232 -0.10 -3.12 9.00
C THR B 232 0.31 -1.76 9.62
N ARG B 233 0.64 -1.75 10.88
CA ARG B 233 1.04 -0.51 11.59
C ARG B 233 2.53 -0.22 11.39
N VAL B 234 2.79 0.44 10.32
CA VAL B 234 4.16 0.84 9.90
C VAL B 234 5.08 1.34 11.04
N SER B 235 4.56 2.18 11.88
CA SER B 235 5.27 2.78 13.05
C SER B 235 5.89 1.73 13.95
N HIS B 236 5.30 0.58 13.93
CA HIS B 236 5.79 -0.55 14.76
C HIS B 236 6.80 -1.41 14.04
N PHE B 237 7.11 -1.09 12.81
CA PHE B 237 8.10 -1.89 12.04
C PHE B 237 9.33 -1.11 11.67
N LEU B 238 9.40 0.10 12.11
CA LEU B 238 10.59 0.91 11.75
C LEU B 238 11.94 0.22 11.95
N PRO B 239 12.19 -0.44 13.03
CA PRO B 239 13.48 -1.18 13.18
C PRO B 239 13.71 -2.16 12.01
N TRP B 240 12.66 -2.87 11.71
CA TRP B 240 12.70 -3.86 10.61
C TRP B 240 12.99 -3.12 9.30
N ILE B 241 12.26 -2.08 9.04
CA ILE B 241 12.51 -1.34 7.79
C ILE B 241 13.99 -0.91 7.77
N ARG B 242 14.38 -0.15 8.75
CA ARG B 242 15.80 0.32 8.82
C ARG B 242 16.82 -0.84 8.69
N SER B 243 16.59 -1.96 9.31
CA SER B 243 17.58 -3.05 9.19
C SER B 243 17.76 -3.54 7.73
N HIS B 244 16.79 -3.34 6.88
CA HIS B 244 16.96 -3.84 5.47
C HIS B 244 17.23 -2.78 4.42
N THR B 245 16.98 -1.56 4.72
CA THR B 245 17.22 -0.49 3.72
C THR B 245 18.48 0.27 4.21
C1 CIT C . 6.63 -1.37 -20.73
O1 CIT C . 7.15 -2.38 -20.39
O2 CIT C . 5.97 -0.73 -19.93
C2 CIT C . 6.79 -0.88 -22.20
C3 CIT C . 7.21 -1.97 -23.29
O7 CIT C . 8.53 -2.34 -22.91
C4 CIT C . 7.11 -1.30 -24.70
C5 CIT C . 7.85 -2.03 -25.87
O3 CIT C . 7.31 -2.89 -26.51
O4 CIT C . 9.00 -1.72 -26.12
C6 CIT C . 6.61 -3.38 -23.46
O5 CIT C . 5.42 -3.49 -23.58
O6 CIT C . 7.34 -4.36 -23.49
H21 CIT C . 5.87 -0.40 -22.52
H22 CIT C . 7.56 -0.12 -22.19
HO7 CIT C . 8.25 -3.07 -22.30
H41 CIT C . 6.07 -1.24 -24.98
H42 CIT C . 7.49 -0.31 -24.64
C1 CIT D . 11.98 -3.31 -21.46
O1 CIT D . 11.83 -2.94 -20.30
O2 CIT D . 12.62 -2.64 -22.25
C2 CIT D . 11.43 -4.66 -21.98
C3 CIT D . 10.11 -5.02 -22.66
O7 CIT D . 9.00 -4.32 -22.19
C4 CIT D . 10.32 -6.59 -22.44
C5 CIT D . 9.50 -7.32 -21.39
O3 CIT D . 9.30 -6.85 -20.27
O4 CIT D . 9.15 -8.39 -21.84
C6 CIT D . 10.02 -4.60 -24.07
O5 CIT D . 11.03 -5.04 -24.90
O6 CIT D . 9.17 -3.92 -24.53
H21 CIT D . 12.07 -5.02 -22.75
H22 CIT D . 11.56 -5.35 -21.14
HO7 CIT D . 8.81 -4.88 -21.44
H41 CIT D . 10.23 -7.09 -23.37
H42 CIT D . 11.38 -6.76 -22.18
C1 136 E . -10.37 -5.38 2.74
C2 136 E . -8.95 -5.35 2.76
CL2 136 E . -8.10 -4.27 3.90
C3 136 E . -8.19 -6.17 1.93
C4 136 E . -8.85 -7.03 1.08
C5 136 E . -10.23 -7.11 1.03
C6 136 E . -10.97 -6.28 1.85
C7 136 E . -11.16 -4.52 3.48
N1 136 E . -12.33 -4.94 3.92
N2 136 E . -10.75 -3.31 3.73
N3 136 E . -8.20 -7.80 0.25
C8 136 E . -8.43 -9.08 0.10
O8 136 E . -9.27 -9.68 0.77
C9 136 E . -7.61 -9.71 -0.90
C10 136 E . -7.81 -11.08 -1.19
C11 136 E . -7.06 -11.77 -2.16
C21 136 E . -7.28 -13.25 -2.51
C12 136 E . -6.09 -11.10 -2.86
C13 136 E . -5.83 -9.76 -2.63
I13 136 E . -4.29 -8.93 -3.68
C14 136 E . -6.57 -9.05 -1.66
O14 136 E . -6.27 -7.71 -1.52
H3 136 E . -7.10 -6.14 1.96
H5 136 E . -10.73 -7.79 0.36
H6 136 E . -12.05 -6.34 1.80
HH11 136 E . -12.64 -5.85 3.63
HH12 136 E . -12.99 -4.39 4.43
HH21 136 E . -9.87 -3.01 3.34
HN3 136 E . -7.51 -7.39 -0.30
H10 136 E . -8.56 -11.61 -0.65
H211 136 E . -7.33 -13.33 -3.58
H212 136 E . -8.21 -13.60 -2.11
H213 136 E . -6.46 -13.82 -2.14
H12 136 E . -5.50 -11.61 -3.61
HH22 136 E . -11.28 -2.65 4.25
#